data_8C3D
#
_entry.id   8C3D
#
_cell.length_a   94.63
_cell.length_b   41.62
_cell.length_c   65.66
_cell.angle_alpha   90.00
_cell.angle_beta   121.01
_cell.angle_gamma   90.00
#
_symmetry.space_group_name_H-M   'C 1 2 1'
#
loop_
_entity.id
_entity.type
_entity.pdbx_description
1 polymer 'Cathepsin K'
2 polymer 3-PYRIDIN-4-YL-2,4-DIHYDRO-INDENO[1,2-.C.]PYRAZOLE
3 non-polymer 'CALCIUM ION'
4 water water
#
loop_
_entity_poly.entity_id
_entity_poly.type
_entity_poly.pdbx_seq_one_letter_code
_entity_poly.pdbx_strand_id
1 'polypeptide(L)'
;APDSVDYRKKGYVTPVKNQGQCGSCWAFSSVGALEGQLKKKTGKLLNLSPQNLVDCVSENDGCGGGYMTNAFQYVQKNRG
IDSEDAYPYVGQEESCMYNPTGKAAKCRGYREIPEGNEKALKRAVARVGPVSVAIDASLTSFQFYSKGVYYDESCNSDNL
NHAVLAVGYGIQKGNKHWIIKNSWGENWGNKGYILMARNKNNACGIANLASFPKM
;
A
2 'polypeptide(L)' (P6S)L(EJM) LIG
#
# COMPACT_ATOMS: atom_id res chain seq x y z
N ALA A 1 18.36 9.81 7.16
CA ALA A 1 16.92 9.65 7.37
C ALA A 1 16.59 9.64 8.88
N PRO A 2 15.42 10.11 9.30
CA PRO A 2 15.12 10.10 10.74
C PRO A 2 15.02 8.71 11.37
N ASP A 3 15.26 8.62 12.69
CA ASP A 3 15.24 7.33 13.37
C ASP A 3 13.85 6.69 13.21
N SER A 4 12.83 7.52 13.09
CA SER A 4 11.48 7.00 12.94
C SER A 4 10.58 8.01 12.23
N VAL A 5 9.50 7.52 11.59
CA VAL A 5 8.57 8.37 10.88
C VAL A 5 7.21 7.69 10.95
N ASP A 6 6.16 8.49 11.06
CA ASP A 6 4.79 7.97 11.13
C ASP A 6 3.89 8.93 10.38
N TYR A 7 3.58 8.60 9.11
CA TYR A 7 2.72 9.46 8.28
C TYR A 7 1.27 9.62 8.81
N ARG A 8 0.80 8.69 9.68
CA ARG A 8 -0.56 8.80 10.23
C ARG A 8 -0.63 10.12 11.02
N LYS A 9 0.48 10.46 11.69
CA LYS A 9 0.63 11.67 12.49
C LYS A 9 0.58 12.95 11.69
N LYS A 10 1.14 12.90 10.46
CA LYS A 10 1.21 14.01 9.52
C LYS A 10 -0.10 14.17 8.75
N GLY A 11 -1.05 13.26 8.96
CA GLY A 11 -2.31 13.38 8.23
C GLY A 11 -2.20 12.93 6.80
N TYR A 12 -1.18 12.12 6.51
CA TYR A 12 -0.97 11.61 5.17
C TYR A 12 -1.69 10.32 4.82
N VAL A 13 -2.31 9.65 5.80
CA VAL A 13 -3.02 8.39 5.59
C VAL A 13 -4.51 8.43 5.84
N THR A 14 -5.27 7.99 4.84
CA THR A 14 -6.74 7.93 4.91
C THR A 14 -7.16 6.77 5.82
N PRO A 15 -8.42 6.74 6.22
CA PRO A 15 -8.85 5.64 7.07
C PRO A 15 -8.70 4.25 6.36
N VAL A 16 -8.49 3.23 7.22
CA VAL A 16 -8.32 1.86 6.76
C VAL A 16 -9.55 1.36 6.01
N LYS A 17 -9.36 0.67 4.89
CA LYS A 17 -10.54 0.22 4.19
C LYS A 17 -10.60 -1.29 4.27
N ASN A 18 -11.70 -1.83 3.70
CA ASN A 18 -11.94 -3.26 3.67
C ASN A 18 -12.18 -3.73 2.23
N GLN A 19 -11.23 -4.47 1.67
CA GLN A 19 -11.33 -4.97 0.30
C GLN A 19 -12.41 -6.06 0.13
N GLY A 20 -12.86 -6.72 1.23
CA GLY A 20 -13.87 -7.75 1.07
C GLY A 20 -13.27 -9.00 0.45
N GLN A 21 -14.09 -9.79 -0.23
CA GLN A 21 -13.62 -11.02 -0.87
C GLN A 21 -12.92 -10.82 -2.24
N CYS A 22 -12.56 -9.61 -2.57
CA CYS A 22 -11.91 -9.39 -3.86
C CYS A 22 -10.38 -9.41 -3.64
N GLY A 23 -9.58 -9.95 -4.58
CA GLY A 23 -8.12 -9.97 -4.40
C GLY A 23 -7.60 -8.66 -4.96
N SER A 24 -8.11 -7.58 -4.40
CA SER A 24 -7.76 -6.23 -4.81
C SER A 24 -6.79 -5.51 -3.87
N CYS A 25 -6.03 -6.29 -3.05
CA CYS A 25 -5.08 -5.64 -2.11
C CYS A 25 -4.14 -4.76 -2.89
N TRP A 26 -3.81 -5.18 -4.13
CA TRP A 26 -2.91 -4.33 -4.87
C TRP A 26 -3.45 -2.91 -5.19
N ALA A 27 -4.78 -2.80 -5.43
CA ALA A 27 -5.39 -1.51 -5.74
C ALA A 27 -5.42 -0.66 -4.50
N PHE A 28 -5.71 -1.26 -3.32
CA PHE A 28 -5.74 -0.47 -2.10
C PHE A 28 -4.33 0.04 -1.75
N SER A 29 -3.29 -0.79 -1.98
CA SER A 29 -1.86 -0.42 -1.70
C SER A 29 -1.44 0.73 -2.60
N SER A 30 -1.85 0.64 -3.85
CA SER A 30 -1.53 1.65 -4.87
C SER A 30 -2.25 2.98 -4.54
N VAL A 31 -3.58 2.95 -4.23
CA VAL A 31 -4.27 4.21 -3.91
C VAL A 31 -3.68 4.79 -2.61
N GLY A 32 -3.25 3.94 -1.65
CA GLY A 32 -2.70 4.50 -0.42
C GLY A 32 -1.39 5.28 -0.69
N ALA A 33 -0.56 4.77 -1.61
CA ALA A 33 0.70 5.47 -1.91
C ALA A 33 0.40 6.79 -2.68
N LEU A 34 -0.67 6.74 -3.50
CA LEU A 34 -1.08 7.90 -4.29
C LEU A 34 -1.73 8.90 -3.33
N GLU A 35 -2.56 8.46 -2.39
CA GLU A 35 -3.16 9.43 -1.48
C GLU A 35 -2.07 10.08 -0.63
N GLY A 36 -0.99 9.34 -0.36
CA GLY A 36 0.09 9.92 0.45
C GLY A 36 0.75 11.03 -0.35
N GLN A 37 0.99 10.77 -1.59
CA GLN A 37 1.61 11.83 -2.36
C GLN A 37 0.66 12.97 -2.60
N LEU A 38 -0.62 12.67 -2.82
CA LEU A 38 -1.59 13.72 -3.07
C LEU A 38 -1.67 14.65 -1.87
N LYS A 39 -1.57 14.10 -0.63
CA LYS A 39 -1.64 14.96 0.52
C LYS A 39 -0.38 15.87 0.55
N LYS A 40 0.81 15.28 0.27
CA LYS A 40 2.08 16.05 0.27
C LYS A 40 2.12 17.17 -0.80
N LYS A 41 1.50 16.90 -1.94
CA LYS A 41 1.46 17.87 -3.05
C LYS A 41 0.31 18.88 -3.09
N THR A 42 -0.80 18.59 -2.37
CA THR A 42 -1.93 19.52 -2.38
C THR A 42 -2.39 19.95 -1.02
N GLY A 43 -1.97 19.23 0.02
CA GLY A 43 -2.38 19.57 1.38
C GLY A 43 -3.73 18.99 1.69
N LYS A 44 -4.32 18.22 0.77
CA LYS A 44 -5.63 17.65 1.07
C LYS A 44 -5.56 16.16 1.18
N LEU A 45 -6.31 15.62 2.14
CA LEU A 45 -6.33 14.18 2.34
C LEU A 45 -7.68 13.63 1.84
N LEU A 46 -7.66 12.73 0.81
CA LEU A 46 -8.95 12.19 0.35
C LEU A 46 -8.80 10.82 -0.26
N ASN A 47 -9.79 10.01 -0.14
CA ASN A 47 -9.72 8.68 -0.70
C ASN A 47 -9.74 8.60 -2.22
N LEU A 48 -8.80 7.85 -2.77
CA LEU A 48 -8.67 7.64 -4.20
C LEU A 48 -9.45 6.38 -4.56
N SER A 49 -9.73 6.11 -5.82
CA SER A 49 -10.49 4.93 -6.01
C SER A 49 -9.93 3.55 -6.37
N PRO A 50 -10.02 2.66 -5.41
CA PRO A 50 -9.58 1.31 -5.67
C PRO A 50 -10.37 0.64 -6.83
N GLN A 51 -11.63 0.98 -6.96
CA GLN A 51 -12.48 0.42 -8.02
C GLN A 51 -12.01 0.83 -9.40
N ASN A 52 -11.53 2.07 -9.51
CA ASN A 52 -11.04 2.58 -10.77
C ASN A 52 -9.93 1.67 -11.25
N LEU A 53 -9.06 1.31 -10.35
CA LEU A 53 -7.96 0.45 -10.70
C LEU A 53 -8.41 -0.98 -11.02
N VAL A 54 -9.26 -1.52 -10.17
CA VAL A 54 -9.75 -2.87 -10.39
C VAL A 54 -10.35 -3.02 -11.79
N ASP A 55 -11.20 -2.10 -12.19
CA ASP A 55 -11.76 -2.26 -13.51
C ASP A 55 -10.95 -1.68 -14.63
N CYS A 56 -10.05 -0.76 -14.35
CA CYS A 56 -9.29 -0.19 -15.41
C CYS A 56 -7.87 -0.61 -15.72
N VAL A 57 -7.16 -1.17 -14.77
CA VAL A 57 -5.80 -1.59 -15.02
C VAL A 57 -5.88 -2.91 -15.77
N SER A 58 -6.03 -2.83 -17.09
CA SER A 58 -6.13 -4.06 -17.92
C SER A 58 -4.86 -4.94 -17.77
N GLU A 59 -3.73 -4.32 -17.40
CA GLU A 59 -2.45 -5.02 -17.22
C GLU A 59 -2.54 -5.96 -15.98
N ASN A 60 -3.51 -5.66 -15.09
CA ASN A 60 -3.74 -6.43 -13.88
C ASN A 60 -4.90 -7.40 -14.07
N ASP A 61 -5.24 -8.13 -13.02
CA ASP A 61 -6.33 -9.06 -13.19
C ASP A 61 -7.59 -8.90 -12.31
N GLY A 62 -8.03 -7.64 -12.10
CA GLY A 62 -9.23 -7.38 -11.28
C GLY A 62 -9.12 -7.93 -9.88
N CYS A 63 -10.13 -8.73 -9.54
CA CYS A 63 -10.25 -9.37 -8.25
C CYS A 63 -9.29 -10.57 -8.28
N GLY A 64 -8.69 -10.84 -9.48
CA GLY A 64 -7.76 -11.95 -9.63
C GLY A 64 -6.31 -11.62 -9.24
N GLY A 65 -6.07 -10.39 -8.73
CA GLY A 65 -4.73 -10.00 -8.33
C GLY A 65 -4.10 -9.04 -9.33
N GLY A 66 -2.96 -8.45 -8.93
CA GLY A 66 -2.21 -7.50 -9.77
C GLY A 66 -1.03 -6.92 -9.04
N TYR A 67 -0.36 -5.97 -9.70
CA TYR A 67 0.80 -5.32 -9.14
C TYR A 67 0.64 -3.84 -9.07
N MET A 68 1.24 -3.23 -8.08
CA MET A 68 1.16 -1.75 -7.91
C MET A 68 1.89 -1.01 -9.02
N THR A 69 3.04 -1.56 -9.49
CA THR A 69 3.71 -0.80 -10.56
C THR A 69 2.74 -0.71 -11.78
N ASN A 70 1.97 -1.78 -12.01
CA ASN A 70 1.05 -1.77 -13.14
C ASN A 70 -0.03 -0.69 -12.94
N ALA A 71 -0.47 -0.54 -11.68
CA ALA A 71 -1.50 0.45 -11.36
C ALA A 71 -0.93 1.85 -11.55
N PHE A 72 0.31 2.11 -11.11
CA PHE A 72 0.85 3.46 -11.30
C PHE A 72 1.01 3.79 -12.85
N GLN A 73 1.35 2.76 -13.66
CA GLN A 73 1.52 2.97 -15.10
C GLN A 73 0.19 3.36 -15.77
N TYR A 74 -0.92 2.75 -15.30
CA TYR A 74 -2.27 2.99 -15.81
C TYR A 74 -2.65 4.43 -15.49
N VAL A 75 -2.42 4.87 -14.22
CA VAL A 75 -2.75 6.24 -13.83
C VAL A 75 -1.97 7.23 -14.68
N GLN A 76 -0.69 6.94 -14.92
CA GLN A 76 0.13 7.83 -15.71
C GLN A 76 -0.38 7.92 -17.17
N LYS A 77 -0.56 6.76 -17.81
CA LYS A 77 -1.04 6.70 -19.18
C LYS A 77 -2.45 7.30 -19.35
N ASN A 78 -3.32 7.04 -18.36
CA ASN A 78 -4.72 7.51 -18.34
C ASN A 78 -4.92 9.00 -18.01
N ARG A 79 -3.85 9.64 -17.60
CA ARG A 79 -3.87 11.05 -17.24
C ARG A 79 -4.77 11.29 -16.02
N GLY A 80 -4.75 10.33 -15.06
CA GLY A 80 -5.55 10.46 -13.84
C GLY A 80 -6.26 9.24 -13.28
N ILE A 81 -6.77 9.38 -12.03
CA ILE A 81 -7.51 8.34 -11.31
C ILE A 81 -8.60 9.12 -10.58
N ASP A 82 -9.79 8.54 -10.48
CA ASP A 82 -10.91 9.17 -9.81
C ASP A 82 -10.85 9.01 -8.31
N SER A 83 -11.57 9.89 -7.58
CA SER A 83 -11.63 9.86 -6.13
C SER A 83 -12.58 8.68 -5.83
N GLU A 84 -12.54 8.14 -4.61
CA GLU A 84 -13.42 7.04 -4.29
C GLU A 84 -14.91 7.46 -4.44
N ASP A 85 -15.23 8.73 -4.09
CA ASP A 85 -16.63 9.11 -4.23
C ASP A 85 -17.10 9.15 -5.66
N ALA A 86 -16.20 9.56 -6.54
CA ALA A 86 -16.57 9.61 -7.94
C ALA A 86 -16.72 8.22 -8.56
N TYR A 87 -15.97 7.28 -8.02
CA TYR A 87 -15.95 5.90 -8.46
C TYR A 87 -15.97 4.94 -7.27
N PRO A 88 -17.14 4.71 -6.65
CA PRO A 88 -17.17 3.82 -5.48
C PRO A 88 -16.78 2.34 -5.60
N TYR A 89 -16.23 1.81 -4.49
CA TYR A 89 -15.80 0.43 -4.42
C TYR A 89 -17.01 -0.49 -4.35
N VAL A 90 -17.01 -1.54 -5.16
CA VAL A 90 -18.13 -2.45 -5.14
C VAL A 90 -17.63 -3.85 -4.82
N GLY A 91 -16.31 -4.05 -4.97
CA GLY A 91 -15.77 -5.36 -4.66
C GLY A 91 -15.84 -6.47 -5.68
N GLN A 92 -16.10 -6.12 -6.92
CA GLN A 92 -16.18 -7.08 -8.00
C GLN A 92 -15.81 -6.34 -9.27
N GLU A 93 -15.19 -7.04 -10.23
CA GLU A 93 -14.74 -6.52 -11.53
C GLU A 93 -15.91 -6.05 -12.41
N GLU A 94 -15.79 -4.87 -12.97
CA GLU A 94 -16.80 -4.25 -13.83
C GLU A 94 -16.07 -3.59 -14.99
N SER A 95 -16.84 -3.15 -16.01
CA SER A 95 -16.23 -2.50 -17.15
C SER A 95 -15.59 -1.17 -16.70
N CYS A 96 -14.58 -0.70 -17.42
CA CYS A 96 -13.93 0.55 -17.04
C CYS A 96 -14.93 1.72 -17.12
N MET A 97 -15.14 2.41 -16.00
CA MET A 97 -16.06 3.55 -15.94
C MET A 97 -15.35 4.84 -15.50
N TYR A 98 -14.07 4.95 -15.83
CA TYR A 98 -13.36 6.15 -15.45
C TYR A 98 -14.03 7.38 -16.11
N ASN A 99 -14.17 8.44 -15.30
CA ASN A 99 -14.76 9.72 -15.69
C ASN A 99 -13.76 10.81 -15.40
N PRO A 100 -13.27 11.54 -16.41
CA PRO A 100 -12.32 12.61 -16.13
C PRO A 100 -12.88 13.65 -15.16
N THR A 101 -14.18 13.89 -15.20
CA THR A 101 -14.73 14.88 -14.27
C THR A 101 -14.44 14.56 -12.79
N GLY A 102 -14.29 13.27 -12.45
CA GLY A 102 -14.02 12.91 -11.06
C GLY A 102 -12.54 12.73 -10.78
N LYS A 103 -11.68 13.17 -11.72
CA LYS A 103 -10.26 13.00 -11.50
C LYS A 103 -9.79 13.68 -10.21
N ALA A 104 -9.06 12.91 -9.37
CA ALA A 104 -8.58 13.50 -8.12
C ALA A 104 -7.06 13.44 -7.95
N ALA A 105 -6.34 12.73 -8.83
CA ALA A 105 -4.88 12.68 -8.70
C ALA A 105 -4.28 12.24 -10.06
N LYS A 106 -3.01 12.52 -10.25
CA LYS A 106 -2.23 12.21 -11.44
C LYS A 106 -0.98 11.55 -10.97
N CYS A 107 -0.29 10.92 -11.89
CA CYS A 107 0.97 10.22 -11.59
C CYS A 107 1.86 10.40 -12.86
N ARG A 108 3.10 10.62 -12.65
CA ARG A 108 4.03 10.79 -13.73
C ARG A 108 4.97 9.61 -13.86
N GLY A 109 4.56 8.48 -13.32
CA GLY A 109 5.39 7.29 -13.38
C GLY A 109 5.59 6.70 -11.99
N TYR A 110 6.69 5.97 -11.82
CA TYR A 110 6.97 5.35 -10.52
C TYR A 110 8.45 4.91 -10.37
N ARG A 111 8.79 4.47 -9.17
CA ARG A 111 10.09 4.02 -8.83
C ARG A 111 10.03 2.81 -7.90
N GLU A 112 10.93 1.86 -8.10
CA GLU A 112 10.92 0.69 -7.24
C GLU A 112 12.14 0.74 -6.38
N ILE A 113 12.03 0.32 -5.14
CA ILE A 113 13.14 0.31 -4.19
C ILE A 113 14.13 -0.84 -4.55
N PRO A 114 15.46 -0.72 -4.27
CA PRO A 114 16.36 -1.83 -4.64
C PRO A 114 15.83 -3.09 -3.94
N GLU A 115 15.78 -4.20 -4.66
CA GLU A 115 15.26 -5.43 -4.08
C GLU A 115 15.91 -5.98 -2.84
N GLY A 116 15.10 -6.12 -1.80
CA GLY A 116 15.57 -6.63 -0.54
C GLY A 116 16.32 -5.58 0.26
N ASN A 117 16.41 -4.37 -0.21
CA ASN A 117 17.14 -3.36 0.56
C ASN A 117 16.30 -2.66 1.62
N GLU A 118 16.33 -3.15 2.83
CA GLU A 118 15.57 -2.54 3.90
C GLU A 118 16.04 -1.13 4.21
N LYS A 119 17.30 -0.84 3.98
CA LYS A 119 17.83 0.47 4.23
C LYS A 119 17.28 1.45 3.22
N ALA A 120 17.29 1.07 1.95
CA ALA A 120 16.78 1.94 0.89
C ALA A 120 15.25 2.15 1.05
N LEU A 121 14.56 1.13 1.61
CA LEU A 121 13.12 1.23 1.82
C LEU A 121 12.92 2.32 2.87
N LYS A 122 13.74 2.29 3.92
CA LYS A 122 13.64 3.26 4.98
C LYS A 122 13.88 4.67 4.44
N ARG A 123 14.92 4.82 3.60
CA ARG A 123 15.24 6.13 3.03
C ARG A 123 14.07 6.62 2.17
N ALA A 124 13.39 5.70 1.49
CA ALA A 124 12.28 6.14 0.66
C ALA A 124 11.06 6.59 1.40
N VAL A 125 10.63 5.84 2.41
CA VAL A 125 9.44 6.19 3.19
C VAL A 125 9.69 7.57 3.80
N ALA A 126 10.93 7.78 4.31
CA ALA A 126 11.33 9.02 4.93
C ALA A 126 11.39 10.19 3.91
N ARG A 127 12.00 9.93 2.75
CA ARG A 127 12.13 10.95 1.71
C ARG A 127 10.88 11.22 0.84
N VAL A 128 10.18 10.16 0.47
CA VAL A 128 8.98 10.29 -0.37
C VAL A 128 7.63 10.37 0.31
N GLY A 129 7.32 9.35 1.11
CA GLY A 129 6.05 9.29 1.81
C GLY A 129 5.69 7.81 1.91
N PRO A 130 4.43 7.47 2.14
CA PRO A 130 4.13 6.04 2.22
C PRO A 130 4.48 5.30 0.95
N VAL A 131 4.95 4.06 1.13
CA VAL A 131 5.35 3.24 -0.01
C VAL A 131 4.62 1.91 -0.12
N SER A 132 4.20 1.56 -1.36
CA SER A 132 3.49 0.29 -1.58
C SER A 132 4.51 -0.81 -1.40
N VAL A 133 4.15 -1.89 -0.67
CA VAL A 133 5.04 -3.04 -0.43
C VAL A 133 4.28 -4.37 -0.61
N ALA A 134 5.00 -5.45 -0.97
CA ALA A 134 4.38 -6.78 -1.16
C ALA A 134 4.92 -7.68 0.00
N ILE A 135 4.12 -8.57 0.55
CA ILE A 135 4.63 -9.41 1.63
C ILE A 135 3.99 -10.75 1.47
N ASP A 136 4.49 -11.70 2.24
CA ASP A 136 3.91 -13.03 2.19
C ASP A 136 3.00 -12.87 3.39
N ALA A 137 1.68 -12.86 3.17
CA ALA A 137 0.77 -12.70 4.29
C ALA A 137 0.01 -14.04 4.53
N SER A 138 0.51 -15.16 4.01
CA SER A 138 -0.12 -16.48 4.13
C SER A 138 -0.15 -17.16 5.54
N LEU A 139 0.74 -16.74 6.48
CA LEU A 139 0.76 -17.35 7.81
C LEU A 139 -0.43 -17.04 8.71
N THR A 140 -0.84 -18.06 9.51
CA THR A 140 -1.96 -17.88 10.43
C THR A 140 -1.61 -16.78 11.46
N SER A 141 -0.33 -16.69 11.85
CA SER A 141 0.11 -15.68 12.84
C SER A 141 -0.09 -14.24 12.30
N PHE A 142 0.05 -14.08 10.99
CA PHE A 142 -0.14 -12.77 10.38
C PHE A 142 -1.66 -12.46 10.39
N GLN A 143 -2.44 -13.44 9.96
CA GLN A 143 -3.88 -13.28 9.92
C GLN A 143 -4.49 -12.97 11.26
N PHE A 144 -3.94 -13.50 12.30
CA PHE A 144 -4.42 -13.27 13.63
C PHE A 144 -3.61 -12.33 14.46
N TYR A 145 -2.80 -11.54 13.81
CA TYR A 145 -1.98 -10.58 14.49
C TYR A 145 -2.88 -9.58 15.24
N SER A 146 -2.48 -9.21 16.39
CA SER A 146 -3.15 -8.28 17.28
C SER A 146 -2.28 -7.17 17.83
N LYS A 147 -1.06 -7.43 18.15
CA LYS A 147 -0.21 -6.37 18.67
C LYS A 147 1.22 -6.73 18.73
N GLY A 148 2.03 -5.75 18.98
CA GLY A 148 3.44 -5.96 19.06
C GLY A 148 4.14 -5.93 17.71
N VAL A 149 5.35 -6.33 17.68
CA VAL A 149 6.14 -6.36 16.43
C VAL A 149 6.07 -7.76 15.86
N TYR A 150 5.43 -7.91 14.75
CA TYR A 150 5.27 -9.18 14.08
C TYR A 150 6.50 -9.82 13.51
N TYR A 151 6.67 -11.09 13.82
CA TYR A 151 7.81 -11.86 13.35
C TYR A 151 7.50 -13.33 13.48
N ASP A 152 7.62 -14.02 12.37
CA ASP A 152 7.39 -15.46 12.32
C ASP A 152 8.48 -15.95 11.37
N GLU A 153 9.36 -16.80 11.89
CA GLU A 153 10.44 -17.33 11.08
C GLU A 153 9.98 -18.09 9.85
N SER A 154 8.78 -18.63 9.89
CA SER A 154 8.28 -19.37 8.75
C SER A 154 7.83 -18.49 7.58
N CYS A 155 7.78 -17.16 7.79
CA CYS A 155 7.35 -16.31 6.67
C CYS A 155 8.33 -16.52 5.49
N ASN A 156 7.82 -16.57 4.25
CA ASN A 156 8.68 -16.77 3.10
C ASN A 156 8.88 -15.54 2.21
N SER A 157 10.10 -14.94 2.23
CA SER A 157 10.39 -13.74 1.42
C SER A 157 10.17 -14.04 -0.06
N ASP A 158 10.29 -15.32 -0.48
CA ASP A 158 10.08 -15.67 -1.90
C ASP A 158 8.61 -15.94 -2.30
N ASN A 159 7.70 -15.89 -1.34
CA ASN A 159 6.29 -16.13 -1.62
C ASN A 159 5.45 -14.88 -1.44
N LEU A 160 5.72 -13.83 -2.26
CA LEU A 160 4.94 -12.61 -2.11
C LEU A 160 3.50 -12.92 -2.56
N ASN A 161 2.51 -12.46 -1.81
CA ASN A 161 1.15 -12.76 -2.25
C ASN A 161 0.14 -11.73 -1.78
N HIS A 162 0.59 -10.68 -1.08
CA HIS A 162 -0.36 -9.67 -0.61
C HIS A 162 0.29 -8.28 -0.74
N ALA A 163 -0.51 -7.27 -0.94
CA ALA A 163 -0.04 -5.89 -1.10
C ALA A 163 -0.60 -5.06 0.03
N VAL A 164 0.33 -4.27 0.67
CA VAL A 164 0.02 -3.39 1.80
C VAL A 164 0.74 -2.04 1.67
N LEU A 165 0.70 -1.23 2.68
CA LEU A 165 1.41 0.04 2.48
C LEU A 165 2.24 0.40 3.70
N ALA A 166 3.53 0.75 3.53
CA ALA A 166 4.42 1.14 4.64
C ALA A 166 4.14 2.63 4.92
N VAL A 167 3.63 3.00 6.08
CA VAL A 167 3.36 4.43 6.29
C VAL A 167 4.35 4.99 7.26
N GLY A 168 5.33 4.19 7.63
CA GLY A 168 6.33 4.65 8.56
C GLY A 168 7.17 3.50 9.07
N TYR A 169 8.02 3.77 10.09
CA TYR A 169 8.90 2.79 10.74
C TYR A 169 9.33 3.37 12.04
N GLY A 170 9.75 2.51 12.95
CA GLY A 170 10.17 3.03 14.24
C GLY A 170 10.67 1.85 15.02
N ILE A 171 10.46 1.92 16.32
CA ILE A 171 10.88 0.87 17.23
C ILE A 171 9.87 0.81 18.36
N GLN A 172 9.61 -0.41 18.82
CA GLN A 172 8.65 -0.54 19.91
C GLN A 172 9.22 -1.55 20.88
N LYS A 173 9.38 -1.10 22.10
CA LYS A 173 9.93 -1.97 23.12
C LYS A 173 11.26 -2.59 22.66
N GLY A 174 12.08 -1.80 21.97
CA GLY A 174 13.36 -2.30 21.51
C GLY A 174 13.33 -3.07 20.20
N ASN A 175 12.12 -3.26 19.59
CA ASN A 175 12.09 -3.99 18.33
C ASN A 175 11.77 -3.06 17.14
N LYS A 176 12.72 -2.91 16.21
CA LYS A 176 12.53 -2.04 15.03
C LYS A 176 11.37 -2.61 14.20
N HIS A 177 10.58 -1.72 13.60
CA HIS A 177 9.46 -2.19 12.80
C HIS A 177 9.10 -1.24 11.66
N TRP A 178 8.20 -1.71 10.80
CA TRP A 178 7.68 -0.99 9.65
C TRP A 178 6.19 -0.81 10.10
N ILE A 179 5.58 0.35 9.90
CA ILE A 179 4.18 0.54 10.30
C ILE A 179 3.46 0.20 9.01
N ILE A 180 2.64 -0.86 9.01
CA ILE A 180 1.93 -1.28 7.83
C ILE A 180 0.43 -1.09 7.92
N LYS A 181 -0.16 -0.55 6.85
CA LYS A 181 -1.58 -0.29 6.76
C LYS A 181 -2.08 -1.39 5.86
N ASN A 182 -3.06 -2.18 6.33
CA ASN A 182 -3.66 -3.28 5.58
C ASN A 182 -5.00 -2.77 5.02
N SER A 183 -5.70 -3.59 4.25
CA SER A 183 -6.96 -3.16 3.71
C SER A 183 -7.96 -4.31 3.99
N TRP A 184 -7.92 -4.83 5.22
CA TRP A 184 -8.75 -5.92 5.72
C TRP A 184 -9.78 -5.36 6.72
N GLY A 185 -9.94 -4.03 6.69
CA GLY A 185 -10.88 -3.39 7.59
C GLY A 185 -10.19 -3.01 8.91
N GLU A 186 -10.83 -2.05 9.58
CA GLU A 186 -10.40 -1.49 10.86
C GLU A 186 -10.42 -2.54 11.98
N ASN A 187 -11.26 -3.56 11.83
CA ASN A 187 -11.29 -4.58 12.86
C ASN A 187 -10.07 -5.52 12.79
N TRP A 188 -9.38 -5.64 11.66
CA TRP A 188 -8.22 -6.55 11.61
C TRP A 188 -6.93 -5.95 12.28
N GLY A 189 -6.05 -6.82 12.82
CA GLY A 189 -4.83 -6.37 13.46
C GLY A 189 -5.11 -5.35 14.54
N ASN A 190 -4.29 -4.27 14.57
CA ASN A 190 -4.45 -3.19 15.56
C ASN A 190 -5.04 -2.02 14.81
N LYS A 191 -6.38 -1.84 14.84
CA LYS A 191 -7.07 -0.76 14.15
C LYS A 191 -6.77 -0.81 12.65
N GLY A 192 -6.57 -2.03 12.13
CA GLY A 192 -6.29 -2.29 10.73
C GLY A 192 -4.84 -2.25 10.26
N TYR A 193 -3.92 -2.01 11.23
CA TYR A 193 -2.46 -1.91 11.05
C TYR A 193 -1.71 -3.09 11.68
N ILE A 194 -0.46 -3.20 11.26
CA ILE A 194 0.40 -4.23 11.77
C ILE A 194 1.81 -3.68 11.81
N LEU A 195 2.55 -3.94 12.92
CA LEU A 195 3.91 -3.43 12.95
C LEU A 195 4.68 -4.71 12.53
N MET A 196 5.50 -4.66 11.49
CA MET A 196 6.25 -5.83 11.03
C MET A 196 7.74 -5.56 11.32
N ALA A 197 8.46 -6.61 11.76
CA ALA A 197 9.88 -6.49 12.09
C ALA A 197 10.63 -5.91 10.94
N ARG A 198 11.49 -5.00 11.28
CA ARG A 198 12.35 -4.29 10.34
C ARG A 198 13.78 -4.75 10.67
N ASN A 199 14.59 -4.84 9.63
CA ASN A 199 15.98 -5.27 9.69
C ASN A 199 16.17 -6.69 10.23
N LYS A 200 15.19 -7.58 10.03
CA LYS A 200 15.34 -8.95 10.51
C LYS A 200 15.34 -9.81 9.28
N ASN A 201 16.42 -9.69 8.50
CA ASN A 201 16.57 -10.45 7.27
C ASN A 201 15.40 -10.32 6.28
N ASN A 202 14.89 -9.08 6.14
CA ASN A 202 13.79 -8.75 5.25
C ASN A 202 12.65 -9.75 5.46
N ALA A 203 12.14 -9.77 6.71
CA ALA A 203 11.06 -10.65 7.13
C ALA A 203 9.85 -10.47 6.23
N CYS A 204 9.27 -11.59 5.80
CA CYS A 204 8.09 -11.66 4.93
C CYS A 204 8.37 -11.01 3.53
N GLY A 205 9.66 -10.71 3.20
CA GLY A 205 9.99 -10.11 1.89
C GLY A 205 9.48 -8.69 1.71
N ILE A 206 9.34 -7.94 2.79
CA ILE A 206 8.83 -6.57 2.75
C ILE A 206 9.57 -5.57 1.84
N ALA A 207 10.87 -5.78 1.59
CA ALA A 207 11.61 -4.86 0.72
C ALA A 207 11.86 -5.47 -0.68
N ASN A 208 11.22 -6.61 -0.98
CA ASN A 208 11.38 -7.27 -2.26
C ASN A 208 10.62 -6.74 -3.45
N LEU A 209 9.47 -6.12 -3.22
CA LEU A 209 8.67 -5.58 -4.30
C LEU A 209 7.98 -4.31 -3.85
N ALA A 210 8.77 -3.34 -3.48
CA ALA A 210 8.36 -2.03 -3.00
C ALA A 210 8.41 -0.99 -4.12
N SER A 211 7.47 -0.06 -4.14
CA SER A 211 7.41 0.99 -5.15
C SER A 211 6.54 2.15 -4.72
N PHE A 212 6.75 3.27 -5.34
CA PHE A 212 6.00 4.48 -5.05
C PHE A 212 5.72 5.26 -6.29
N PRO A 213 4.65 6.04 -6.32
CA PRO A 213 4.42 6.78 -7.54
C PRO A 213 5.06 8.16 -7.56
N LYS A 214 5.38 8.65 -8.75
CA LYS A 214 5.97 9.94 -8.97
C LYS A 214 4.75 10.88 -9.16
N MET A 215 4.73 12.01 -8.48
CA MET A 215 3.67 13.01 -8.53
C MET A 215 4.30 14.37 -8.30
N LEU B 2 -0.55 -10.06 -7.09
CA LEU B 2 -0.79 -10.03 -5.64
C LEU B 2 -2.24 -9.83 -5.29
#